data_2WNS
#
_entry.id   2WNS
#
_cell.length_a   64.400
_cell.length_b   43.600
_cell.length_c   71.000
_cell.angle_alpha   90.00
_cell.angle_beta   113.40
_cell.angle_gamma   90.00
#
_symmetry.space_group_name_H-M   'P 1 21 1'
#
loop_
_entity.id
_entity.type
_entity.pdbx_description
1 polymer 'OROTATE PHOSPHORIBOSYLTRANSFERASE'
2 non-polymer "OROTIDINE-5'-MONOPHOSPHATE"
3 non-polymer 'CHLORIDE ION'
4 water water
#
_entity_poly.entity_id   1
_entity_poly.type   'polypeptide(L)'
_entity_poly.pdbx_seq_one_letter_code
;MALGPLVTGLYDVQAFKFGDFVLKSGLSSPIYIDLRGIVSRPRLLSQVADILFQTAQNAGISFDTVCGVPYTALPLATVI
CSTNQIPMLIRRKETKDYGTKRLVEGTINPGETCLIIEDVVTSGSSVLETVEVLQKEGLKVTDAIVLLDREQGGKDKLQA
HGIRLHSVCTLSKMLEILEQQKKVDAETVGRVKRFIQEAHHHHHH
;
_entity_poly.pdbx_strand_id   A,B
#
# COMPACT_ATOMS: atom_id res chain seq x y z
N ALA A 2 -14.43 -16.04 -16.04
CA ALA A 2 -14.16 -16.49 -14.62
C ALA A 2 -14.83 -15.58 -13.61
N LEU A 3 -15.82 -14.81 -14.08
CA LEU A 3 -16.43 -13.82 -13.21
C LEU A 3 -17.24 -14.45 -12.07
N GLY A 4 -17.93 -15.57 -12.32
CA GLY A 4 -18.79 -16.19 -11.31
C GLY A 4 -18.06 -16.42 -9.99
N PRO A 5 -16.98 -17.21 -10.02
CA PRO A 5 -16.13 -17.40 -8.83
C PRO A 5 -15.58 -16.12 -8.21
N LEU A 6 -15.11 -15.19 -9.03
CA LEU A 6 -14.66 -13.89 -8.53
C LEU A 6 -15.74 -13.15 -7.75
N VAL A 7 -16.94 -13.04 -8.31
CA VAL A 7 -18.00 -12.32 -7.67
C VAL A 7 -18.39 -13.00 -6.32
N THR A 8 -18.53 -14.32 -6.31
CA THR A 8 -18.81 -15.10 -5.08
C THR A 8 -17.76 -14.87 -4.04
N GLY A 9 -16.51 -14.89 -4.48
CA GLY A 9 -15.37 -14.65 -3.62
C GLY A 9 -15.51 -13.28 -2.96
N LEU A 10 -15.92 -12.30 -3.76
CA LEU A 10 -16.09 -10.93 -3.27
C LEU A 10 -17.24 -10.88 -2.28
N TYR A 11 -18.32 -11.59 -2.61
CA TYR A 11 -19.49 -11.62 -1.75
C TYR A 11 -19.09 -12.17 -0.40
N ASP A 12 -18.28 -13.22 -0.41
CA ASP A 12 -17.82 -13.85 0.81
C ASP A 12 -16.72 -13.09 1.61
N VAL A 13 -16.23 -11.96 1.13
CA VAL A 13 -15.49 -11.05 2.00
C VAL A 13 -16.32 -9.80 2.28
N GLN A 14 -17.64 -9.96 2.11
CA GLN A 14 -18.64 -8.93 2.44
C GLN A 14 -18.45 -7.61 1.64
N ALA A 15 -18.11 -7.76 0.37
CA ALA A 15 -17.84 -6.64 -0.47
C ALA A 15 -19.11 -5.86 -0.79
N PHE A 16 -20.25 -6.53 -0.76
CA PHE A 16 -21.52 -5.91 -1.13
C PHE A 16 -22.34 -5.53 0.08
N LYS A 17 -22.54 -4.22 0.23
CA LYS A 17 -23.29 -3.65 1.30
C LYS A 17 -24.61 -3.14 0.73
N PHE A 18 -25.69 -3.46 1.42
CA PHE A 18 -27.01 -2.96 1.08
C PHE A 18 -27.47 -2.15 2.28
N GLY A 19 -28.13 -1.03 2.00
CA GLY A 19 -28.56 -0.06 2.99
C GLY A 19 -28.77 1.29 2.31
N ASP A 20 -28.74 2.38 3.07
CA ASP A 20 -28.86 3.71 2.45
C ASP A 20 -27.57 4.48 2.62
N PHE A 21 -26.92 4.72 1.49
CA PHE A 21 -25.60 5.35 1.45
C PHE A 21 -25.60 6.68 0.70
N VAL A 22 -24.59 7.49 0.96
CA VAL A 22 -24.28 8.61 0.08
C VAL A 22 -22.90 8.40 -0.50
N LEU A 23 -22.80 8.50 -1.82
CA LEU A 23 -21.56 8.22 -2.52
C LEU A 23 -20.62 9.43 -2.49
N LYS A 24 -19.37 9.24 -2.89
CA LYS A 24 -18.39 10.35 -2.98
C LYS A 24 -18.97 11.54 -3.76
N SER A 25 -19.66 11.21 -4.83
CA SER A 25 -20.25 12.18 -5.75
C SER A 25 -21.53 12.80 -5.23
N GLY A 26 -21.96 12.42 -4.04
CA GLY A 26 -23.17 12.99 -3.43
C GLY A 26 -24.47 12.29 -3.76
N LEU A 27 -24.39 11.28 -4.62
CA LEU A 27 -25.56 10.49 -5.01
C LEU A 27 -25.97 9.56 -3.86
N SER A 28 -27.27 9.49 -3.59
CA SER A 28 -27.80 8.40 -2.77
C SER A 28 -27.65 7.10 -3.53
N SER A 29 -27.42 6.01 -2.80
CA SER A 29 -27.34 4.67 -3.38
C SER A 29 -27.82 3.62 -2.39
N PRO A 30 -28.58 2.60 -2.87
CA PRO A 30 -28.96 1.49 -2.02
C PRO A 30 -27.85 0.44 -1.92
N ILE A 31 -26.77 0.61 -2.68
CA ILE A 31 -25.70 -0.39 -2.69
C ILE A 31 -24.36 0.27 -2.60
N TYR A 32 -23.42 -0.39 -1.93
CA TYR A 32 -22.07 0.10 -1.84
C TYR A 32 -21.11 -1.07 -1.95
N ILE A 33 -20.12 -0.94 -2.83
CA ILE A 33 -19.18 -2.02 -3.06
C ILE A 33 -17.87 -1.63 -2.44
N ASP A 34 -17.41 -2.41 -1.46
CA ASP A 34 -16.21 -2.11 -0.70
C ASP A 34 -15.19 -3.24 -0.84
N LEU A 35 -14.07 -2.97 -1.52
CA LEU A 35 -13.07 -4.02 -1.75
C LEU A 35 -11.99 -4.03 -0.70
N ARG A 36 -12.13 -3.27 0.38
CA ARG A 36 -11.09 -3.24 1.41
C ARG A 36 -10.84 -4.60 2.03
N GLY A 37 -11.88 -5.43 2.05
CA GLY A 37 -11.82 -6.77 2.62
C GLY A 37 -11.03 -7.82 1.88
N ILE A 38 -10.65 -7.55 0.62
CA ILE A 38 -9.95 -8.52 -0.15
C ILE A 38 -8.60 -8.85 0.47
N VAL A 39 -8.02 -7.89 1.21
CA VAL A 39 -6.68 -8.09 1.82
C VAL A 39 -6.67 -9.13 2.96
N SER A 40 -7.86 -9.50 3.39
CA SER A 40 -8.05 -10.53 4.38
C SER A 40 -8.06 -11.93 3.78
N ARG A 41 -8.22 -12.03 2.45
CA ARG A 41 -8.27 -13.33 1.76
C ARG A 41 -7.21 -13.39 0.62
N PRO A 42 -6.02 -13.85 0.97
CA PRO A 42 -4.82 -13.79 0.14
C PRO A 42 -5.04 -14.22 -1.30
N ARG A 43 -5.69 -15.36 -1.50
N ARG A 43 -5.74 -15.33 -1.50
CA ARG A 43 -5.99 -15.86 -2.84
CA ARG A 43 -5.96 -15.86 -2.84
C ARG A 43 -6.90 -14.92 -3.62
C ARG A 43 -7.01 -15.06 -3.65
N LEU A 44 -7.94 -14.40 -2.97
CA LEU A 44 -8.84 -13.45 -3.62
C LEU A 44 -8.11 -12.17 -4.04
N LEU A 45 -7.20 -11.68 -3.20
CA LEU A 45 -6.43 -10.49 -3.54
C LEU A 45 -5.61 -10.77 -4.78
N SER A 46 -4.99 -11.95 -4.80
CA SER A 46 -4.26 -12.40 -5.97
C SER A 46 -5.13 -12.55 -7.20
N GLN A 47 -6.31 -13.11 -7.06
CA GLN A 47 -7.18 -13.26 -8.21
C GLN A 47 -7.54 -11.92 -8.77
N VAL A 48 -7.89 -10.98 -7.90
CA VAL A 48 -8.23 -9.62 -8.33
C VAL A 48 -7.06 -8.94 -9.03
N ALA A 49 -5.86 -9.08 -8.48
CA ALA A 49 -4.65 -8.51 -9.11
C ALA A 49 -4.49 -9.09 -10.51
N ASP A 50 -4.66 -10.41 -10.61
CA ASP A 50 -4.46 -11.12 -11.88
C ASP A 50 -5.44 -10.64 -12.94
N ILE A 51 -6.73 -10.63 -12.61
CA ILE A 51 -7.71 -10.30 -13.63
C ILE A 51 -7.58 -8.84 -14.09
N LEU A 52 -7.21 -7.95 -13.17
CA LEU A 52 -6.93 -6.55 -13.52
C LEU A 52 -5.82 -6.47 -14.57
N PHE A 53 -4.72 -7.13 -14.27
CA PHE A 53 -3.60 -7.17 -15.18
C PHE A 53 -3.94 -7.82 -16.52
N GLN A 54 -4.66 -8.94 -16.47
CA GLN A 54 -5.06 -9.64 -17.67
C GLN A 54 -5.95 -8.77 -18.54
N THR A 55 -6.77 -7.95 -17.89
CA THR A 55 -7.64 -6.99 -18.60
C THR A 55 -6.80 -5.99 -19.40
N ALA A 56 -5.74 -5.45 -18.79
CA ALA A 56 -4.81 -4.53 -19.44
C ALA A 56 -4.07 -5.20 -20.61
N GLN A 57 -3.60 -6.42 -20.38
CA GLN A 57 -2.94 -7.16 -21.44
C GLN A 57 -3.85 -7.50 -22.63
N ASN A 58 -5.05 -7.99 -22.34
CA ASN A 58 -6.04 -8.26 -23.37
C ASN A 58 -6.36 -7.02 -24.24
N ALA A 59 -6.25 -5.83 -23.65
CA ALA A 59 -6.55 -4.59 -24.36
C ALA A 59 -5.41 -4.19 -25.29
N GLY A 60 -4.24 -4.79 -25.10
CA GLY A 60 -3.10 -4.55 -25.95
C GLY A 60 -2.42 -3.21 -25.73
N ILE A 61 -2.53 -2.65 -24.53
CA ILE A 61 -2.05 -1.29 -24.27
C ILE A 61 -0.58 -1.32 -23.87
N SER A 62 0.05 -0.14 -23.87
CA SER A 62 1.45 -0.01 -23.49
C SER A 62 1.56 0.94 -22.30
N PHE A 63 2.44 0.59 -21.36
CA PHE A 63 2.68 1.40 -20.20
C PHE A 63 4.05 1.03 -19.65
N ASP A 64 4.71 2.00 -19.04
CA ASP A 64 6.02 1.80 -18.40
C ASP A 64 5.94 1.61 -16.87
N THR A 65 4.85 2.09 -16.26
CA THR A 65 4.71 2.13 -14.82
C THR A 65 3.22 2.13 -14.48
N VAL A 66 2.90 1.92 -13.21
CA VAL A 66 1.54 1.71 -12.75
C VAL A 66 1.34 2.52 -11.48
N CYS A 67 0.17 3.15 -11.38
CA CYS A 67 -0.25 3.85 -10.17
C CYS A 67 -1.65 3.47 -9.73
N GLY A 68 -1.81 3.12 -8.45
CA GLY A 68 -3.12 2.92 -7.88
C GLY A 68 -3.85 4.18 -7.45
N VAL A 69 -5.15 4.25 -7.65
CA VAL A 69 -5.88 5.38 -7.10
C VAL A 69 -6.05 5.16 -5.58
N PRO A 70 -5.61 6.11 -4.71
CA PRO A 70 -5.70 5.94 -3.24
C PRO A 70 -7.14 5.83 -2.82
N TYR A 71 -7.48 4.98 -1.84
CA TYR A 71 -6.59 4.10 -1.06
C TYR A 71 -6.72 2.59 -1.36
N THR A 72 -7.95 2.15 -1.62
CA THR A 72 -8.27 0.72 -1.70
C THR A 72 -7.48 0.00 -2.78
N ALA A 73 -7.28 0.67 -3.92
CA ALA A 73 -6.55 0.09 -5.04
C ALA A 73 -5.03 -0.07 -4.81
N LEU A 74 -4.52 0.57 -3.75
CA LEU A 74 -3.05 0.61 -3.56
C LEU A 74 -2.42 -0.77 -3.47
N PRO A 75 -2.96 -1.66 -2.63
CA PRO A 75 -2.37 -3.03 -2.60
C PRO A 75 -2.50 -3.81 -3.92
N LEU A 76 -3.57 -3.57 -4.66
CA LEU A 76 -3.76 -4.21 -5.95
C LEU A 76 -2.68 -3.83 -6.94
N ALA A 77 -2.35 -2.54 -6.99
CA ALA A 77 -1.25 -2.05 -7.80
C ALA A 77 0.06 -2.71 -7.37
N THR A 78 0.25 -2.81 -6.08
CA THR A 78 1.49 -3.40 -5.55
C THR A 78 1.67 -4.86 -5.97
N VAL A 79 0.61 -5.63 -5.88
CA VAL A 79 0.65 -7.06 -6.24
C VAL A 79 0.91 -7.21 -7.74
N ILE A 80 0.17 -6.45 -8.54
CA ILE A 80 0.41 -6.41 -9.99
C ILE A 80 1.87 -6.07 -10.32
N CYS A 81 2.43 -5.09 -9.64
CA CYS A 81 3.76 -4.63 -9.98
C CYS A 81 4.80 -5.63 -9.50
N SER A 82 4.54 -6.23 -8.36
CA SER A 82 5.49 -7.17 -7.77
C SER A 82 5.49 -8.49 -8.58
N THR A 83 4.30 -8.99 -8.90
CA THR A 83 4.13 -10.22 -9.72
C THR A 83 4.74 -10.07 -11.12
N ASN A 84 4.46 -8.96 -11.80
CA ASN A 84 4.95 -8.75 -13.17
C ASN A 84 6.23 -7.91 -13.33
N GLN A 85 6.87 -7.54 -12.22
CA GLN A 85 8.14 -6.81 -12.28
C GLN A 85 8.03 -5.43 -12.97
N ILE A 86 7.06 -4.64 -12.55
CA ILE A 86 6.81 -3.33 -13.12
C ILE A 86 7.11 -2.26 -12.08
N PRO A 87 7.81 -1.22 -12.47
CA PRO A 87 7.99 -0.12 -11.52
C PRO A 87 6.64 0.51 -11.14
N MET A 88 6.55 0.95 -9.89
CA MET A 88 5.31 1.51 -9.35
C MET A 88 5.46 2.96 -8.92
N LEU A 89 4.40 3.74 -9.10
CA LEU A 89 4.32 5.05 -8.48
C LEU A 89 3.24 5.04 -7.40
N ILE A 90 3.43 5.87 -6.38
CA ILE A 90 2.48 6.02 -5.29
C ILE A 90 2.06 7.48 -5.13
N ARG A 91 0.78 7.73 -5.30
CA ARG A 91 0.22 9.03 -4.98
C ARG A 91 -0.06 9.10 -3.45
N ARG A 92 0.60 10.02 -2.75
CA ARG A 92 0.42 10.16 -1.30
C ARG A 92 -0.73 11.15 -1.07
N LYS A 93 -1.84 10.66 -0.53
CA LYS A 93 -2.99 11.53 -0.23
C LYS A 93 -3.23 11.84 1.26
N GLU A 94 -2.38 11.32 2.11
CA GLU A 94 -2.69 11.27 3.54
C GLU A 94 -2.57 12.64 4.23
N THR A 95 -1.87 13.58 3.60
CA THR A 95 -1.76 14.94 4.10
C THR A 95 -2.45 15.92 3.18
N LYS A 96 -3.32 15.38 2.33
CA LYS A 96 -4.08 16.17 1.40
C LYS A 96 -3.22 17.29 0.77
N ASP A 97 -3.66 18.54 0.89
CA ASP A 97 -2.98 19.73 0.29
C ASP A 97 -2.34 20.62 1.36
N TYR A 98 -1.98 20.02 2.50
CA TYR A 98 -1.38 20.75 3.63
C TYR A 98 0.13 20.84 3.41
N GLY A 99 0.64 22.07 3.35
CA GLY A 99 2.03 22.31 3.05
C GLY A 99 2.37 22.17 1.58
N THR A 100 3.62 21.90 1.30
CA THR A 100 4.12 21.97 -0.06
C THR A 100 4.91 20.74 -0.50
N LYS A 101 4.90 19.67 0.29
CA LYS A 101 5.58 18.43 -0.10
C LYS A 101 4.92 17.85 -1.35
N ARG A 102 5.78 17.32 -2.21
CA ARG A 102 5.34 16.82 -3.50
C ARG A 102 4.62 15.47 -3.40
N LEU A 103 3.53 15.36 -4.14
CA LEU A 103 2.52 14.31 -3.95
C LEU A 103 2.86 12.90 -4.49
N VAL A 104 3.81 12.77 -5.42
CA VAL A 104 4.03 11.47 -6.12
C VAL A 104 5.38 10.82 -5.83
N GLU A 105 5.35 9.59 -5.33
CA GLU A 105 6.60 8.87 -4.99
C GLU A 105 6.93 7.87 -6.12
N GLY A 106 8.23 7.58 -6.30
CA GLY A 106 8.73 6.65 -7.31
C GLY A 106 9.53 7.35 -8.40
N THR A 107 9.95 6.63 -9.42
CA THR A 107 10.76 7.25 -10.47
C THR A 107 9.83 7.86 -11.52
N ILE A 108 9.86 9.18 -11.64
CA ILE A 108 9.04 9.91 -12.59
C ILE A 108 9.96 10.37 -13.74
N ASN A 109 9.84 9.71 -14.88
CA ASN A 109 10.58 10.08 -16.11
C ASN A 109 9.55 10.65 -17.06
N PRO A 110 9.52 11.96 -17.19
CA PRO A 110 8.53 12.62 -18.05
C PRO A 110 8.48 11.98 -19.43
N GLY A 111 7.28 11.73 -19.98
CA GLY A 111 7.17 11.06 -21.29
C GLY A 111 6.79 9.59 -21.19
N GLU A 112 7.09 8.96 -20.06
CA GLU A 112 6.67 7.59 -19.82
C GLU A 112 5.16 7.55 -19.59
N THR A 113 4.58 6.38 -19.86
CA THR A 113 3.17 6.14 -19.71
C THR A 113 2.88 5.42 -18.39
N CYS A 114 1.93 5.94 -17.64
CA CYS A 114 1.52 5.34 -16.37
C CYS A 114 0.11 4.79 -16.50
N LEU A 115 -0.05 3.50 -16.20
CA LEU A 115 -1.35 2.85 -16.15
C LEU A 115 -2.02 3.06 -14.78
N ILE A 116 -3.30 3.42 -14.78
CA ILE A 116 -4.05 3.60 -13.55
C ILE A 116 -4.82 2.34 -13.17
N ILE A 117 -4.68 1.92 -11.91
CA ILE A 117 -5.45 0.82 -11.32
C ILE A 117 -6.46 1.39 -10.28
N GLU A 118 -7.72 0.97 -10.39
CA GLU A 118 -8.80 1.44 -9.50
C GLU A 118 -9.78 0.32 -9.08
N ASP A 119 -10.44 0.50 -7.93
CA ASP A 119 -11.32 -0.51 -7.39
C ASP A 119 -12.72 -0.38 -7.98
N VAL A 120 -13.33 0.78 -7.83
CA VAL A 120 -14.74 1.04 -8.22
C VAL A 120 -14.81 2.43 -8.81
N VAL A 121 -15.48 2.57 -9.94
CA VAL A 121 -15.69 3.86 -10.58
C VAL A 121 -17.20 4.15 -10.60
N THR A 122 -17.58 5.37 -10.20
CA THR A 122 -18.96 5.88 -10.25
C THR A 122 -19.06 7.01 -11.29
N SER A 123 -18.75 8.23 -10.88
CA SER A 123 -18.69 9.35 -11.80
C SER A 123 -17.42 9.38 -12.62
N GLY A 124 -16.35 8.81 -12.10
CA GLY A 124 -15.04 8.91 -12.74
C GLY A 124 -14.12 9.98 -12.13
N SER A 125 -14.62 10.76 -11.19
CA SER A 125 -13.82 11.89 -10.70
C SER A 125 -12.57 11.46 -9.95
N SER A 126 -12.64 10.39 -9.17
CA SER A 126 -11.46 9.94 -8.40
C SER A 126 -10.30 9.51 -9.30
N VAL A 127 -10.59 8.75 -10.35
CA VAL A 127 -9.56 8.38 -11.34
C VAL A 127 -8.96 9.65 -12.00
N LEU A 128 -9.82 10.56 -12.42
CA LEU A 128 -9.39 11.74 -13.10
C LEU A 128 -8.54 12.66 -12.25
N GLU A 129 -8.83 12.72 -10.95
CA GLU A 129 -8.03 13.53 -10.05
C GLU A 129 -6.62 12.95 -10.00
N THR A 130 -6.51 11.64 -9.87
CA THR A 130 -5.20 10.99 -9.89
C THR A 130 -4.48 11.10 -11.28
N VAL A 131 -5.25 11.03 -12.35
CA VAL A 131 -4.74 11.21 -13.69
C VAL A 131 -4.10 12.60 -13.84
N GLU A 132 -4.80 13.63 -13.39
CA GLU A 132 -4.31 15.00 -13.57
CA GLU A 132 -4.32 15.03 -13.55
C GLU A 132 -3.02 15.23 -12.79
N VAL A 133 -2.99 14.77 -11.55
CA VAL A 133 -1.78 14.82 -10.73
C VAL A 133 -0.57 14.25 -11.48
N LEU A 134 -0.73 13.05 -12.04
CA LEU A 134 0.35 12.37 -12.80
C LEU A 134 0.75 13.10 -14.11
N GLN A 135 -0.23 13.64 -14.81
CA GLN A 135 0.01 14.36 -16.06
C GLN A 135 0.77 15.64 -15.79
N LYS A 136 0.46 16.29 -14.68
CA LYS A 136 1.17 17.52 -14.30
C LYS A 136 2.65 17.27 -13.95
N GLU A 137 3.03 16.05 -13.62
CA GLU A 137 4.44 15.63 -13.48
C GLU A 137 5.12 15.26 -14.82
N GLY A 138 4.37 15.35 -15.92
CA GLY A 138 4.89 15.06 -17.26
C GLY A 138 4.65 13.64 -17.74
N LEU A 139 3.94 12.83 -16.98
CA LEU A 139 3.68 11.44 -17.34
C LEU A 139 2.51 11.41 -18.29
N LYS A 140 2.57 10.47 -19.23
CA LYS A 140 1.50 10.25 -20.18
C LYS A 140 0.53 9.26 -19.53
N VAL A 141 -0.76 9.53 -19.63
CA VAL A 141 -1.74 8.65 -19.07
C VAL A 141 -2.88 8.55 -20.09
N THR A 142 -3.18 7.33 -20.53
CA THR A 142 -4.16 7.03 -21.56
C THR A 142 -5.21 6.00 -21.12
N ASP A 143 -4.88 5.20 -20.11
CA ASP A 143 -5.73 4.06 -19.74
C ASP A 143 -5.89 3.88 -18.23
N ALA A 144 -7.10 3.50 -17.84
CA ALA A 144 -7.42 3.13 -16.47
C ALA A 144 -8.10 1.76 -16.48
N ILE A 145 -7.67 0.86 -15.59
CA ILE A 145 -8.34 -0.44 -15.39
C ILE A 145 -9.06 -0.39 -14.06
N VAL A 146 -10.33 -0.74 -14.04
CA VAL A 146 -11.07 -0.77 -12.79
C VAL A 146 -11.72 -2.14 -12.61
N LEU A 147 -11.86 -2.60 -11.37
CA LEU A 147 -12.51 -3.90 -11.13
C LEU A 147 -14.01 -3.81 -11.40
N LEU A 148 -14.67 -2.80 -10.82
CA LEU A 148 -16.12 -2.61 -10.96
C LEU A 148 -16.44 -1.26 -11.51
N ASP A 149 -17.08 -1.24 -12.67
CA ASP A 149 -17.69 -0.02 -13.22
C ASP A 149 -19.18 0.01 -12.86
N ARG A 150 -19.56 1.03 -12.10
CA ARG A 150 -20.96 1.16 -11.62
C ARG A 150 -21.87 1.67 -12.73
N GLU A 151 -21.27 2.11 -13.84
CA GLU A 151 -22.01 2.59 -15.01
C GLU A 151 -22.88 3.81 -14.68
N GLN A 152 -22.27 4.76 -13.98
CA GLN A 152 -22.94 6.02 -13.64
C GLN A 152 -22.17 7.21 -14.22
N GLY A 153 -21.74 7.08 -15.48
CA GLY A 153 -21.13 8.20 -16.21
C GLY A 153 -19.62 8.17 -16.35
N GLY A 154 -18.95 7.25 -15.65
CA GLY A 154 -17.47 7.17 -15.64
C GLY A 154 -16.74 7.02 -16.98
N LYS A 155 -17.17 6.09 -17.82
CA LYS A 155 -16.51 5.84 -19.09
C LYS A 155 -16.50 7.07 -19.95
N ASP A 156 -17.66 7.74 -20.01
CA ASP A 156 -17.82 8.91 -20.86
C ASP A 156 -17.07 10.12 -20.31
N LYS A 157 -17.00 10.23 -18.99
CA LYS A 157 -16.33 11.37 -18.38
C LYS A 157 -14.82 11.21 -18.61
N LEU A 158 -14.33 10.01 -18.41
CA LEU A 158 -12.89 9.73 -18.64
C LEU A 158 -12.49 9.91 -20.12
N GLN A 159 -13.36 9.49 -21.01
CA GLN A 159 -13.07 9.59 -22.42
C GLN A 159 -13.03 11.07 -22.87
N ALA A 160 -13.89 11.91 -22.27
CA ALA A 160 -13.84 13.35 -22.46
C ALA A 160 -12.50 14.02 -22.04
N HIS A 161 -11.69 13.33 -21.24
CA HIS A 161 -10.37 13.79 -20.84
C HIS A 161 -9.23 12.95 -21.36
N GLY A 162 -9.47 12.18 -22.42
CA GLY A 162 -8.42 11.37 -23.04
C GLY A 162 -8.03 10.08 -22.36
N ILE A 163 -8.92 9.57 -21.50
CA ILE A 163 -8.68 8.34 -20.75
C ILE A 163 -9.66 7.24 -21.13
N ARG A 164 -9.09 6.09 -21.51
CA ARG A 164 -9.86 4.89 -21.86
C ARG A 164 -10.10 4.10 -20.56
N LEU A 165 -11.36 3.95 -20.17
CA LEU A 165 -11.72 3.10 -19.02
C LEU A 165 -11.96 1.64 -19.43
N HIS A 166 -11.19 0.73 -18.84
CA HIS A 166 -11.34 -0.72 -19.05
C HIS A 166 -11.82 -1.35 -17.75
N SER A 167 -12.97 -2.03 -17.78
CA SER A 167 -13.49 -2.64 -16.57
C SER A 167 -13.50 -4.16 -16.59
N VAL A 168 -13.33 -4.77 -15.42
CA VAL A 168 -13.43 -6.22 -15.29
C VAL A 168 -14.90 -6.64 -15.35
N CYS A 169 -15.76 -5.81 -14.76
CA CYS A 169 -17.13 -6.16 -14.59
C CYS A 169 -17.93 -4.89 -14.36
N THR A 170 -19.17 -4.86 -14.86
CA THR A 170 -20.05 -3.76 -14.58
C THR A 170 -20.91 -4.12 -13.34
N LEU A 171 -21.60 -3.13 -12.78
CA LEU A 171 -22.53 -3.39 -11.66
C LEU A 171 -23.68 -4.29 -12.09
N SER A 172 -24.28 -4.01 -13.25
CA SER A 172 -25.40 -4.80 -13.74
C SER A 172 -25.00 -6.29 -13.92
N LYS A 173 -23.83 -6.55 -14.51
CA LYS A 173 -23.37 -7.95 -14.61
C LYS A 173 -23.13 -8.58 -13.21
N MET A 174 -22.61 -7.79 -12.28
CA MET A 174 -22.37 -8.27 -10.92
C MET A 174 -23.70 -8.62 -10.24
N LEU A 175 -24.72 -7.78 -10.40
CA LEU A 175 -26.02 -8.05 -9.80
C LEU A 175 -26.64 -9.31 -10.41
N GLU A 176 -26.40 -9.51 -11.71
CA GLU A 176 -26.93 -10.68 -12.40
C GLU A 176 -26.32 -11.95 -11.87
N ILE A 177 -25.00 -11.92 -11.66
CA ILE A 177 -24.33 -13.08 -11.08
C ILE A 177 -24.86 -13.37 -9.65
N LEU A 178 -25.00 -12.34 -8.85
CA LEU A 178 -25.43 -12.53 -7.48
C LEU A 178 -26.86 -13.11 -7.42
N GLU A 179 -27.74 -12.66 -8.30
CA GLU A 179 -29.10 -13.20 -8.34
C GLU A 179 -29.12 -14.65 -8.83
N GLN A 180 -28.36 -14.93 -9.87
CA GLN A 180 -28.22 -16.29 -10.37
C GLN A 180 -27.69 -17.20 -9.29
N GLN A 181 -26.76 -16.71 -8.49
CA GLN A 181 -26.14 -17.55 -7.48
C GLN A 181 -26.91 -17.54 -6.16
N LYS A 182 -28.10 -16.97 -6.13
CA LYS A 182 -28.95 -16.93 -4.94
C LYS A 182 -28.36 -16.16 -3.77
N LYS A 183 -27.45 -15.21 -4.02
CA LYS A 183 -26.83 -14.43 -2.93
C LYS A 183 -27.65 -13.22 -2.60
N VAL A 184 -28.33 -12.69 -3.60
CA VAL A 184 -29.27 -11.63 -3.39
C VAL A 184 -30.52 -11.98 -4.14
N ASP A 185 -31.66 -11.58 -3.61
CA ASP A 185 -32.94 -11.91 -4.20
C ASP A 185 -33.29 -10.98 -5.34
N ALA A 186 -34.23 -11.42 -6.16
CA ALA A 186 -34.60 -10.74 -7.40
C ALA A 186 -35.20 -9.37 -7.18
N GLU A 187 -35.93 -9.20 -6.09
CA GLU A 187 -36.56 -7.91 -5.82
C GLU A 187 -35.53 -6.84 -5.41
N THR A 188 -34.54 -7.26 -4.63
CA THR A 188 -33.42 -6.37 -4.27
C THR A 188 -32.69 -5.89 -5.53
N VAL A 189 -32.39 -6.81 -6.44
CA VAL A 189 -31.71 -6.45 -7.68
C VAL A 189 -32.54 -5.49 -8.50
N GLY A 190 -33.83 -5.77 -8.59
CA GLY A 190 -34.76 -4.90 -9.30
C GLY A 190 -34.83 -3.52 -8.68
N ARG A 191 -34.99 -3.47 -7.36
CA ARG A 191 -35.04 -2.20 -6.65
C ARG A 191 -33.74 -1.42 -6.86
N VAL A 192 -32.60 -2.12 -6.75
CA VAL A 192 -31.31 -1.46 -6.86
C VAL A 192 -31.11 -0.90 -8.25
N LYS A 193 -31.42 -1.70 -9.27
CA LYS A 193 -31.33 -1.24 -10.67
C LYS A 193 -32.26 -0.06 -10.94
N ARG A 194 -33.50 -0.15 -10.45
CA ARG A 194 -34.48 0.90 -10.72
C ARG A 194 -34.06 2.20 -10.08
N PHE A 195 -33.70 2.12 -8.80
CA PHE A 195 -33.19 3.27 -8.07
C PHE A 195 -32.02 3.95 -8.78
N ILE A 196 -31.00 3.19 -9.14
CA ILE A 196 -29.80 3.74 -9.78
C ILE A 196 -30.16 4.51 -11.04
N GLN A 197 -30.93 3.86 -11.90
CA GLN A 197 -31.49 4.50 -13.11
C GLN A 197 -32.02 5.92 -12.81
N GLU A 198 -32.67 6.10 -11.65
CA GLU A 198 -33.09 7.42 -11.15
C GLU A 198 -32.12 7.98 -10.10
N LEU B 3 23.10 -10.05 2.37
CA LEU B 3 22.87 -8.67 2.91
C LEU B 3 23.52 -7.59 2.03
N GLY B 4 24.77 -7.82 1.66
CA GLY B 4 25.50 -6.95 0.73
C GLY B 4 24.73 -6.53 -0.52
N PRO B 5 24.16 -7.50 -1.25
CA PRO B 5 23.39 -7.20 -2.45
C PRO B 5 22.21 -6.30 -2.17
N LEU B 6 21.53 -6.55 -1.07
CA LEU B 6 20.41 -5.73 -0.65
C LEU B 6 20.81 -4.26 -0.42
N VAL B 7 21.95 -4.06 0.24
CA VAL B 7 22.52 -2.72 0.48
C VAL B 7 22.85 -1.99 -0.84
N THR B 8 23.41 -2.71 -1.80
CA THR B 8 23.70 -2.15 -3.13
C THR B 8 22.44 -1.66 -3.85
N GLY B 9 21.39 -2.47 -3.83
CA GLY B 9 20.10 -2.08 -4.40
C GLY B 9 19.62 -0.79 -3.77
N LEU B 10 19.67 -0.74 -2.44
CA LEU B 10 19.24 0.44 -1.68
C LEU B 10 20.01 1.70 -2.10
N TYR B 11 21.32 1.57 -2.21
CA TYR B 11 22.18 2.62 -2.74
C TYR B 11 21.68 3.10 -4.11
N ASP B 12 21.31 2.16 -4.99
CA ASP B 12 20.87 2.51 -6.35
C ASP B 12 19.57 3.30 -6.39
N VAL B 13 18.65 3.02 -5.48
CA VAL B 13 17.42 3.80 -5.42
C VAL B 13 17.59 5.08 -4.58
N GLN B 14 18.85 5.47 -4.35
CA GLN B 14 19.24 6.66 -3.59
C GLN B 14 18.69 6.67 -2.17
N ALA B 15 18.81 5.55 -1.48
CA ALA B 15 18.25 5.43 -0.13
C ALA B 15 19.16 6.07 0.92
N PHE B 16 20.43 6.28 0.60
CA PHE B 16 21.37 6.84 1.57
C PHE B 16 21.68 8.30 1.30
N LYS B 17 21.13 9.18 2.12
CA LYS B 17 21.31 10.60 1.96
C LYS B 17 22.28 11.06 3.01
N PHE B 18 23.19 11.94 2.62
CA PHE B 18 24.13 12.56 3.55
C PHE B 18 23.97 14.07 3.55
N GLY B 19 24.27 14.66 4.70
CA GLY B 19 24.15 16.09 4.87
C GLY B 19 23.79 16.37 6.31
N ASP B 20 22.66 17.02 6.48
CA ASP B 20 22.22 17.46 7.77
C ASP B 20 20.71 17.32 7.74
N PHE B 21 20.18 16.49 8.63
CA PHE B 21 18.74 16.17 8.65
C PHE B 21 18.18 16.17 10.06
N VAL B 22 16.99 16.75 10.26
CA VAL B 22 16.32 16.61 11.55
C VAL B 22 15.37 15.42 11.43
N LEU B 23 15.55 14.43 12.31
CA LEU B 23 14.76 13.21 12.31
C LEU B 23 13.44 13.48 13.01
N LYS B 24 12.49 12.57 12.91
CA LYS B 24 11.20 12.78 13.57
C LYS B 24 11.41 12.99 15.07
N SER B 25 12.35 12.26 15.68
CA SER B 25 12.67 12.42 17.09
C SER B 25 13.35 13.73 17.44
N GLY B 26 13.44 14.66 16.49
CA GLY B 26 13.93 16.02 16.77
C GLY B 26 15.44 16.23 16.85
N LEU B 27 16.22 15.17 16.65
CA LEU B 27 17.69 15.28 16.64
C LEU B 27 18.22 15.54 15.23
N SER B 28 19.35 16.21 15.11
CA SER B 28 19.98 16.42 13.81
C SER B 28 20.81 15.18 13.47
N SER B 29 20.93 14.86 12.18
CA SER B 29 21.65 13.65 11.76
C SER B 29 22.43 13.92 10.49
N PRO B 30 23.63 13.35 10.39
CA PRO B 30 24.41 13.46 9.16
C PRO B 30 23.93 12.52 8.06
N ILE B 31 22.98 11.62 8.39
CA ILE B 31 22.52 10.59 7.45
C ILE B 31 21.00 10.35 7.55
N TYR B 32 20.39 10.11 6.39
CA TYR B 32 18.98 9.75 6.32
C TYR B 32 18.84 8.57 5.38
N ILE B 33 18.08 7.57 5.81
CA ILE B 33 17.79 6.40 4.99
C ILE B 33 16.33 6.46 4.48
N ASP B 34 16.20 6.65 3.18
CA ASP B 34 14.94 6.95 2.49
C ASP B 34 14.63 5.82 1.50
N LEU B 35 13.79 4.90 1.93
CA LEU B 35 13.40 3.72 1.12
C LEU B 35 12.21 3.98 0.19
N ARG B 36 11.76 5.23 0.10
CA ARG B 36 10.61 5.53 -0.74
C ARG B 36 10.78 5.15 -2.20
N GLY B 37 12.03 5.15 -2.66
CA GLY B 37 12.36 4.83 -4.06
C GLY B 37 12.36 3.36 -4.40
N ILE B 38 12.29 2.51 -3.39
CA ILE B 38 12.23 1.07 -3.59
C ILE B 38 11.05 0.62 -4.50
N VAL B 39 9.96 1.38 -4.55
CA VAL B 39 8.82 1.01 -5.43
C VAL B 39 9.18 1.03 -6.93
N SER B 40 10.29 1.68 -7.27
CA SER B 40 10.77 1.75 -8.65
C SER B 40 11.56 0.50 -9.08
N ARG B 41 11.89 -0.36 -8.12
CA ARG B 41 12.66 -1.58 -8.35
C ARG B 41 11.96 -2.78 -7.72
N PRO B 42 10.94 -3.33 -8.40
CA PRO B 42 10.12 -4.39 -7.84
C PRO B 42 10.88 -5.64 -7.39
N ARG B 43 12.00 -5.93 -8.03
CA ARG B 43 12.86 -7.04 -7.58
C ARG B 43 13.44 -6.81 -6.19
N LEU B 44 14.01 -5.63 -6.01
CA LEU B 44 14.51 -5.20 -4.72
C LEU B 44 13.40 -5.10 -3.66
N LEU B 45 12.22 -4.61 -4.04
CA LEU B 45 11.12 -4.59 -3.10
C LEU B 45 10.83 -6.00 -2.60
N SER B 46 10.85 -6.96 -3.51
CA SER B 46 10.53 -8.33 -3.17
C SER B 46 11.59 -8.91 -2.23
N GLN B 47 12.86 -8.60 -2.51
CA GLN B 47 13.97 -9.09 -1.69
C GLN B 47 13.91 -8.53 -0.27
N VAL B 48 13.60 -7.24 -0.15
CA VAL B 48 13.42 -6.60 1.14
C VAL B 48 12.26 -7.27 1.87
N ALA B 49 11.12 -7.44 1.21
CA ALA B 49 10.00 -8.16 1.79
C ALA B 49 10.43 -9.56 2.25
N ASP B 50 11.20 -10.30 1.46
CA ASP B 50 11.52 -11.70 1.81
C ASP B 50 12.43 -11.76 3.03
N ILE B 51 13.38 -10.83 3.09
CA ILE B 51 14.32 -10.83 4.21
C ILE B 51 13.62 -10.46 5.50
N LEU B 52 12.63 -9.57 5.44
CA LEU B 52 11.88 -9.24 6.66
C LEU B 52 11.08 -10.46 7.13
N PHE B 53 10.41 -11.13 6.21
CA PHE B 53 9.62 -12.30 6.57
C PHE B 53 10.48 -13.44 7.11
N GLN B 54 11.61 -13.70 6.45
CA GLN B 54 12.56 -14.72 6.92
C GLN B 54 13.08 -14.42 8.31
N THR B 55 13.22 -13.14 8.65
CA THR B 55 13.69 -12.76 9.97
C THR B 55 12.67 -13.24 11.01
N ALA B 56 11.37 -12.97 10.75
CA ALA B 56 10.29 -13.44 11.59
C ALA B 56 10.28 -14.97 11.72
N GLN B 57 10.50 -15.66 10.61
CA GLN B 57 10.46 -17.13 10.57
C GLN B 57 11.60 -17.75 11.34
N ASN B 58 12.79 -17.15 11.27
CA ASN B 58 13.95 -17.64 12.01
C ASN B 58 13.86 -17.35 13.49
N ALA B 59 13.00 -16.40 13.89
CA ALA B 59 12.78 -16.08 15.29
C ALA B 59 11.76 -17.04 15.92
N GLY B 60 11.06 -17.80 15.07
CA GLY B 60 10.07 -18.79 15.49
C GLY B 60 8.85 -18.17 16.13
N ILE B 61 8.59 -16.90 15.85
CA ILE B 61 7.43 -16.25 16.41
C ILE B 61 6.18 -16.66 15.62
N SER B 62 5.03 -16.51 16.23
CA SER B 62 3.81 -16.85 15.57
C SER B 62 2.93 -15.62 15.52
N PHE B 63 2.14 -15.54 14.46
CA PHE B 63 1.25 -14.43 14.25
C PHE B 63 0.16 -14.85 13.30
N ASP B 64 -0.93 -14.12 13.33
CA ASP B 64 -2.10 -14.41 12.51
C ASP B 64 -2.23 -13.49 11.31
N THR B 65 -1.73 -12.28 11.46
CA THR B 65 -1.87 -11.29 10.44
C THR B 65 -0.62 -10.42 10.44
N VAL B 66 -0.50 -9.59 9.40
CA VAL B 66 0.64 -8.68 9.26
C VAL B 66 0.13 -7.27 8.94
N CYS B 67 0.82 -6.27 9.49
CA CYS B 67 0.50 -4.85 9.27
C CYS B 67 1.81 -4.03 9.13
N GLY B 68 1.92 -3.22 8.07
CA GLY B 68 3.02 -2.27 7.93
C GLY B 68 2.80 -0.97 8.70
N VAL B 69 3.88 -0.41 9.25
CA VAL B 69 3.82 0.99 9.77
C VAL B 69 3.67 2.02 8.63
N PRO B 70 2.64 2.92 8.68
CA PRO B 70 2.60 3.91 7.59
C PRO B 70 3.91 4.70 7.49
N TYR B 71 4.42 5.02 6.28
CA TYR B 71 3.82 4.73 4.98
C TYR B 71 4.70 3.86 4.07
N THR B 72 6.01 4.06 4.15
CA THR B 72 6.93 3.36 3.24
C THR B 72 6.79 1.85 3.31
N ALA B 73 6.46 1.32 4.49
CA ALA B 73 6.40 -0.12 4.70
C ALA B 73 5.09 -0.76 4.23
N LEU B 74 4.11 0.03 3.86
CA LEU B 74 2.82 -0.56 3.43
C LEU B 74 2.98 -1.57 2.28
N PRO B 75 3.71 -1.23 1.20
CA PRO B 75 3.93 -2.22 0.15
C PRO B 75 4.80 -3.40 0.56
N LEU B 76 5.73 -3.20 1.47
CA LEU B 76 6.48 -4.36 1.96
C LEU B 76 5.53 -5.37 2.60
N ALA B 77 4.62 -4.91 3.47
CA ALA B 77 3.65 -5.82 4.09
C ALA B 77 2.81 -6.48 3.02
N THR B 78 2.40 -5.69 2.00
CA THR B 78 1.57 -6.25 0.95
C THR B 78 2.29 -7.37 0.23
N VAL B 79 3.58 -7.23 0.01
CA VAL B 79 4.31 -8.30 -0.68
C VAL B 79 4.55 -9.53 0.19
N ILE B 80 4.89 -9.32 1.47
CA ILE B 80 4.95 -10.44 2.43
C ILE B 80 3.63 -11.24 2.48
N CYS B 81 2.52 -10.52 2.51
CA CYS B 81 1.24 -11.17 2.65
C CYS B 81 0.83 -11.90 1.38
N SER B 82 1.13 -11.28 0.23
CA SER B 82 0.83 -11.83 -1.07
C SER B 82 1.67 -13.08 -1.37
N THR B 83 2.97 -12.96 -1.16
CA THR B 83 3.91 -14.05 -1.39
C THR B 83 3.63 -15.25 -0.50
N ASN B 84 3.41 -15.01 0.78
CA ASN B 84 3.22 -16.07 1.77
C ASN B 84 1.80 -16.39 2.15
N GLN B 85 0.84 -15.76 1.47
CA GLN B 85 -0.56 -16.07 1.68
C GLN B 85 -0.98 -15.91 3.16
N ILE B 86 -0.75 -14.69 3.65
CA ILE B 86 -1.08 -14.30 5.01
C ILE B 86 -2.12 -13.20 4.95
N PRO B 87 -3.18 -13.28 5.76
CA PRO B 87 -4.14 -12.17 5.82
C PRO B 87 -3.46 -10.86 6.30
N MET B 88 -3.85 -9.72 5.73
CA MET B 88 -3.23 -8.43 6.05
C MET B 88 -4.17 -7.44 6.72
N LEU B 89 -3.62 -6.62 7.60
CA LEU B 89 -4.33 -5.43 8.06
C LEU B 89 -3.62 -4.19 7.50
N ILE B 90 -4.39 -3.15 7.22
CA ILE B 90 -3.82 -1.87 6.84
C ILE B 90 -4.26 -0.79 7.79
N ARG B 91 -3.31 -0.20 8.50
CA ARG B 91 -3.55 1.01 9.25
C ARG B 91 -3.68 2.20 8.30
N ARG B 92 -4.80 2.93 8.38
CA ARG B 92 -4.98 4.13 7.58
C ARG B 92 -4.73 5.38 8.43
N LYS B 93 -3.53 5.95 8.28
CA LYS B 93 -3.13 7.13 9.03
C LYS B 93 -3.35 8.36 8.17
N GLU B 94 -4.10 9.34 8.69
CA GLU B 94 -4.37 10.61 7.99
C GLU B 94 -4.23 11.76 9.01
N THR B 95 -5.03 12.84 8.91
CA THR B 95 -4.79 13.99 9.80
C THR B 95 -5.98 14.34 10.71
N LYS B 96 -6.81 13.32 10.98
CA LYS B 96 -8.00 13.43 11.84
C LYS B 96 -9.03 14.44 11.38
N ASP B 97 -9.09 14.66 10.06
CA ASP B 97 -10.06 15.58 9.48
C ASP B 97 -11.48 15.07 9.69
N TYR B 98 -12.43 15.98 9.55
CA TYR B 98 -13.84 15.60 9.49
C TYR B 98 -14.08 14.62 8.37
N GLY B 99 -14.77 13.53 8.67
CA GLY B 99 -15.10 12.53 7.65
C GLY B 99 -14.05 11.45 7.43
N THR B 100 -13.14 11.30 8.40
CA THR B 100 -12.24 10.16 8.41
C THR B 100 -13.03 8.86 8.61
N LYS B 101 -12.45 7.76 8.13
CA LYS B 101 -13.07 6.46 8.17
C LYS B 101 -12.35 5.59 9.23
N ARG B 102 -12.57 4.28 9.21
CA ARG B 102 -12.03 3.41 10.28
C ARG B 102 -10.51 3.51 10.26
N LEU B 103 -9.89 3.20 11.37
CA LEU B 103 -8.44 3.33 11.53
C LEU B 103 -7.63 2.15 11.01
N VAL B 104 -8.24 0.96 10.99
CA VAL B 104 -7.59 -0.23 10.50
C VAL B 104 -8.50 -1.03 9.58
N GLU B 105 -8.03 -1.30 8.37
CA GLU B 105 -8.76 -2.03 7.38
C GLU B 105 -8.39 -3.52 7.37
N GLY B 106 -9.31 -4.31 6.85
CA GLY B 106 -9.15 -5.77 6.86
C GLY B 106 -9.99 -6.39 7.97
N THR B 107 -10.02 -7.71 8.02
CA THR B 107 -10.83 -8.40 9.02
C THR B 107 -10.13 -8.43 10.36
N ILE B 108 -10.74 -7.78 11.37
CA ILE B 108 -10.14 -7.70 12.69
C ILE B 108 -10.80 -8.73 13.59
N ASN B 109 -10.00 -9.68 14.09
CA ASN B 109 -10.45 -10.68 15.03
C ASN B 109 -9.77 -10.44 16.37
N PRO B 110 -10.46 -9.74 17.29
CA PRO B 110 -9.86 -9.37 18.55
C PRO B 110 -9.21 -10.56 19.24
N GLY B 111 -8.05 -10.35 19.80
CA GLY B 111 -7.29 -11.42 20.42
C GLY B 111 -6.30 -12.10 19.51
N GLU B 112 -6.51 -12.01 18.19
CA GLU B 112 -5.51 -12.53 17.25
C GLU B 112 -4.28 -11.66 17.28
N THR B 113 -3.15 -12.24 16.85
CA THR B 113 -1.87 -11.58 16.91
C THR B 113 -1.44 -11.01 15.55
N CYS B 114 -1.07 -9.72 15.56
CA CYS B 114 -0.58 -9.00 14.38
C CYS B 114 0.92 -8.70 14.47
N LEU B 115 1.68 -9.11 13.46
CA LEU B 115 3.09 -8.79 13.33
C LEU B 115 3.28 -7.41 12.66
N ILE B 116 4.09 -6.55 13.26
CA ILE B 116 4.38 -5.25 12.65
C ILE B 116 5.61 -5.28 11.78
N ILE B 117 5.50 -4.65 10.61
CA ILE B 117 6.61 -4.52 9.65
C ILE B 117 7.00 -3.04 9.43
N GLU B 118 8.31 -2.78 9.51
CA GLU B 118 8.85 -1.44 9.39
C GLU B 118 10.13 -1.37 8.56
N ASP B 119 10.32 -0.20 7.94
CA ASP B 119 11.53 0.09 7.17
C ASP B 119 12.71 0.55 8.02
N VAL B 120 12.55 1.66 8.72
CA VAL B 120 13.62 2.22 9.58
C VAL B 120 13.04 2.56 10.96
N VAL B 121 13.74 2.14 12.00
CA VAL B 121 13.39 2.53 13.38
C VAL B 121 14.48 3.44 14.01
N THR B 122 14.07 4.58 14.57
CA THR B 122 14.98 5.49 15.30
C THR B 122 14.67 5.43 16.83
N SER B 123 13.78 6.30 17.32
CA SER B 123 13.33 6.23 18.71
C SER B 123 12.45 5.01 19.02
N GLY B 124 11.76 4.47 17.99
CA GLY B 124 10.71 3.49 18.20
C GLY B 124 9.31 4.09 18.30
N SER B 125 9.19 5.40 18.31
CA SER B 125 7.88 6.03 18.52
C SER B 125 6.89 5.77 17.40
N SER B 126 7.38 5.80 16.16
CA SER B 126 6.53 5.51 15.00
C SER B 126 5.96 4.08 15.04
N VAL B 127 6.80 3.09 15.36
CA VAL B 127 6.31 1.71 15.57
C VAL B 127 5.23 1.69 16.69
N LEU B 128 5.53 2.31 17.83
CA LEU B 128 4.68 2.25 19.00
C LEU B 128 3.32 2.88 18.69
N GLU B 129 3.31 3.95 17.90
CA GLU B 129 2.02 4.58 17.54
C GLU B 129 1.08 3.56 16.86
N THR B 130 1.64 2.83 15.91
CA THR B 130 0.90 1.83 15.15
C THR B 130 0.48 0.65 16.04
N VAL B 131 1.39 0.17 16.88
CA VAL B 131 1.07 -0.84 17.85
C VAL B 131 -0.17 -0.46 18.67
N GLU B 132 -0.20 0.78 19.17
CA GLU B 132 -1.26 1.26 20.05
C GLU B 132 -2.59 1.35 19.32
N VAL B 133 -2.55 1.78 18.08
CA VAL B 133 -3.77 1.79 17.24
C VAL B 133 -4.30 0.36 17.08
N LEU B 134 -3.42 -0.60 16.82
CA LEU B 134 -3.86 -2.00 16.61
C LEU B 134 -4.39 -2.62 17.92
N GLN B 135 -3.70 -2.32 19.01
CA GLN B 135 -4.15 -2.75 20.33
C GLN B 135 -5.52 -2.18 20.65
N LYS B 136 -5.71 -0.90 20.37
CA LYS B 136 -7.02 -0.32 20.60
C LYS B 136 -8.13 -1.00 19.79
N GLU B 137 -7.81 -1.47 18.59
CA GLU B 137 -8.75 -2.18 17.74
C GLU B 137 -8.90 -3.64 18.14
N GLY B 138 -8.09 -4.10 19.09
CA GLY B 138 -8.33 -5.38 19.76
C GLY B 138 -7.34 -6.47 19.45
N LEU B 139 -6.31 -6.15 18.66
CA LEU B 139 -5.28 -7.10 18.29
C LEU B 139 -4.24 -7.18 19.36
N LYS B 140 -3.64 -8.35 19.50
CA LYS B 140 -2.46 -8.57 20.33
C LYS B 140 -1.27 -8.25 19.47
N VAL B 141 -0.26 -7.58 20.00
CA VAL B 141 0.95 -7.32 19.23
C VAL B 141 2.11 -7.61 20.15
N THR B 142 3.02 -8.46 19.70
CA THR B 142 4.16 -8.82 20.51
C THR B 142 5.51 -8.61 19.84
N ASP B 143 5.50 -8.44 18.51
CA ASP B 143 6.75 -8.42 17.74
C ASP B 143 6.68 -7.41 16.60
N ALA B 144 7.81 -6.78 16.33
CA ALA B 144 7.99 -5.91 15.17
C ALA B 144 9.27 -6.31 14.41
N ILE B 145 9.17 -6.36 13.08
CA ILE B 145 10.38 -6.59 12.25
C ILE B 145 10.73 -5.32 11.50
N VAL B 146 11.99 -4.91 11.57
CA VAL B 146 12.45 -3.68 10.96
C VAL B 146 13.64 -3.99 10.07
N LEU B 147 13.69 -3.35 8.90
CA LEU B 147 14.84 -3.56 8.01
C LEU B 147 16.12 -2.95 8.60
N LEU B 148 16.02 -1.67 8.97
CA LEU B 148 17.14 -0.92 9.52
C LEU B 148 16.84 -0.34 10.90
N ASP B 149 17.62 -0.77 11.89
CA ASP B 149 17.50 -0.23 13.24
C ASP B 149 18.61 0.79 13.42
N ARG B 150 18.24 2.04 13.64
CA ARG B 150 19.23 3.10 13.67
C ARG B 150 20.00 3.15 15.00
N GLU B 151 19.59 2.31 15.95
CA GLU B 151 20.25 2.15 17.25
C GLU B 151 20.23 3.41 18.10
N GLN B 152 19.04 4.02 18.18
CA GLN B 152 18.79 5.19 18.99
C GLN B 152 17.71 4.88 20.06
N GLY B 153 17.78 3.70 20.66
CA GLY B 153 16.91 3.34 21.79
C GLY B 153 15.60 2.66 21.43
N GLY B 154 15.42 2.32 20.15
CA GLY B 154 14.19 1.67 19.67
C GLY B 154 13.84 0.36 20.35
N LYS B 155 14.82 -0.53 20.48
CA LYS B 155 14.56 -1.81 21.06
C LYS B 155 14.04 -1.63 22.49
N ASP B 156 14.70 -0.77 23.28
CA ASP B 156 14.31 -0.53 24.69
C ASP B 156 12.93 0.12 24.81
N LYS B 157 12.67 1.18 24.04
CA LYS B 157 11.37 1.83 24.05
C LYS B 157 10.27 0.82 23.77
N LEU B 158 10.51 -0.04 22.78
CA LEU B 158 9.50 -1.01 22.37
C LEU B 158 9.34 -2.11 23.40
N GLN B 159 10.47 -2.57 23.95
CA GLN B 159 10.41 -3.54 25.02
C GLN B 159 9.63 -3.02 26.23
N ALA B 160 9.79 -1.74 26.53
CA ALA B 160 9.08 -1.10 27.63
C ALA B 160 7.55 -1.11 27.44
N HIS B 161 7.10 -1.39 26.23
CA HIS B 161 5.68 -1.46 25.97
C HIS B 161 5.29 -2.86 25.51
N GLY B 162 6.19 -3.83 25.75
CA GLY B 162 5.88 -5.26 25.59
C GLY B 162 6.11 -5.81 24.19
N ILE B 163 6.81 -5.05 23.37
CA ILE B 163 7.01 -5.38 21.97
C ILE B 163 8.47 -5.68 21.76
N ARG B 164 8.75 -6.80 21.13
CA ARG B 164 10.10 -7.21 20.80
C ARG B 164 10.42 -6.79 19.35
N LEU B 165 11.44 -5.94 19.21
CA LEU B 165 11.94 -5.50 17.90
C LEU B 165 12.96 -6.50 17.36
N HIS B 166 12.75 -7.01 16.14
CA HIS B 166 13.77 -7.80 15.42
C HIS B 166 14.29 -6.96 14.25
N SER B 167 15.59 -6.77 14.15
CA SER B 167 16.11 -5.96 13.07
C SER B 167 16.89 -6.80 12.06
N VAL B 168 16.70 -6.53 10.78
CA VAL B 168 17.47 -7.23 9.74
C VAL B 168 18.90 -6.76 9.81
N CYS B 169 19.08 -5.44 9.98
CA CYS B 169 20.40 -4.79 9.98
C CYS B 169 20.39 -3.54 10.86
N THR B 170 21.54 -3.22 11.43
CA THR B 170 21.72 -1.97 12.15
C THR B 170 22.42 -0.95 11.29
N LEU B 171 22.33 0.31 11.69
CA LEU B 171 23.01 1.38 10.98
C LEU B 171 24.52 1.13 11.01
N SER B 172 25.03 0.62 12.13
CA SER B 172 26.46 0.36 12.25
C SER B 172 26.90 -0.56 11.16
N LYS B 173 26.28 -1.74 11.11
CA LYS B 173 26.51 -2.72 10.05
C LYS B 173 26.34 -2.19 8.61
N MET B 174 25.27 -1.45 8.37
CA MET B 174 25.02 -0.98 7.03
C MET B 174 26.13 -0.05 6.57
N LEU B 175 26.63 0.79 7.48
CA LEU B 175 27.77 1.66 7.17
C LEU B 175 29.03 0.89 6.83
N GLU B 176 29.23 -0.23 7.52
CA GLU B 176 30.40 -1.08 7.26
C GLU B 176 30.30 -1.70 5.86
N ILE B 177 29.14 -2.25 5.55
CA ILE B 177 28.90 -2.80 4.23
C ILE B 177 29.11 -1.73 3.16
N LEU B 178 28.57 -0.53 3.39
CA LEU B 178 28.76 0.58 2.45
C LEU B 178 30.24 0.95 2.25
N GLU B 179 31.05 0.85 3.31
CA GLU B 179 32.48 1.11 3.19
C GLU B 179 33.17 0.04 2.33
N GLN B 180 32.98 -1.23 2.71
CA GLN B 180 33.45 -2.40 1.94
C GLN B 180 33.20 -2.25 0.45
N GLN B 181 32.01 -1.79 0.09
CA GLN B 181 31.64 -1.58 -1.30
C GLN B 181 32.12 -0.23 -1.87
N LYS B 182 33.03 0.45 -1.15
CA LYS B 182 33.60 1.74 -1.55
C LYS B 182 32.56 2.78 -1.99
N LYS B 183 31.39 2.76 -1.36
CA LYS B 183 30.33 3.74 -1.65
C LYS B 183 30.38 4.92 -0.69
N VAL B 184 31.17 4.79 0.36
CA VAL B 184 31.32 5.84 1.37
C VAL B 184 32.73 5.78 1.95
N ASP B 185 33.33 6.94 2.14
CA ASP B 185 34.74 7.02 2.55
C ASP B 185 34.97 6.72 4.03
N ALA B 186 36.24 6.50 4.40
CA ALA B 186 36.63 6.20 5.77
C ALA B 186 36.41 7.37 6.75
N GLU B 187 36.17 8.57 6.21
CA GLU B 187 35.87 9.73 7.03
C GLU B 187 34.40 9.71 7.49
N THR B 188 33.48 9.77 6.52
CA THR B 188 32.06 9.83 6.83
C THR B 188 31.58 8.58 7.57
N VAL B 189 32.28 7.46 7.42
CA VAL B 189 31.97 6.29 8.25
C VAL B 189 32.18 6.66 9.72
N GLY B 190 33.35 7.20 10.06
CA GLY B 190 33.68 7.62 11.42
C GLY B 190 32.72 8.67 11.94
N ARG B 191 32.50 9.70 11.14
CA ARG B 191 31.53 10.75 11.46
C ARG B 191 30.17 10.17 11.87
N VAL B 192 29.62 9.28 11.05
CA VAL B 192 28.33 8.68 11.35
C VAL B 192 28.42 7.79 12.60
N LYS B 193 29.52 7.06 12.76
CA LYS B 193 29.72 6.20 13.94
C LYS B 193 29.66 7.05 15.21
N ARG B 194 30.45 8.12 15.21
CA ARG B 194 30.46 9.07 16.30
C ARG B 194 29.08 9.60 16.60
N PHE B 195 28.32 9.87 15.53
CA PHE B 195 26.96 10.34 15.70
C PHE B 195 26.06 9.34 16.43
N ILE B 196 26.30 8.05 16.23
CA ILE B 196 25.44 7.02 16.85
C ILE B 196 25.53 6.97 18.39
N GLN B 197 26.74 6.92 18.94
CA GLN B 197 26.92 7.06 20.41
C GLN B 197 26.39 8.42 20.96
N GLU B 198 26.66 9.50 20.25
CA GLU B 198 26.08 10.81 20.57
C GLU B 198 24.54 10.80 20.68
N ALA B 199 23.90 10.13 19.73
CA ALA B 199 22.41 10.11 19.63
C ALA B 199 21.73 9.30 20.75
N HIS B 200 22.45 8.33 21.30
CA HIS B 200 21.99 7.56 22.48
C HIS B 200 21.96 8.40 23.78
N HIS B 201 22.54 9.61 23.74
CA HIS B 201 22.44 10.59 24.83
C HIS B 201 21.31 11.59 24.59
#